data_8Z0P
#
_entry.id   8Z0P
#
_cell.length_a   1.00
_cell.length_b   1.00
_cell.length_c   1.00
_cell.angle_alpha   90.00
_cell.angle_beta   90.00
_cell.angle_gamma   90.00
#
_symmetry.space_group_name_H-M   'P 1'
#
loop_
_entity.id
_entity.type
_entity.pdbx_description
1 polymer 'Zinc phosphodiesterase ELAC protein 2'
2 non-polymer 'ZINC ION'
3 non-polymer 'PHOSPHATE ION'
#
_entity_poly.entity_id   1
_entity_poly.type   'polypeptide(L)'
_entity_poly.pdbx_seq_one_letter_code
;MWALCSLLRSAAGRTMSQGRTISQAPARRERPRKDPLRHLRTREKRGPSGCSGGPNTVYLQVVAAGSRDSGAALYVFSEF
NRYLFNCGEGVQRLMQEHKLKVARLDNIFLTRMHWSNVGGLSGMILTLKETGLPKCVLSGPPQLEKYLEAIKIFSGPLKG
IELAVRPHSAPEYEDETMTVYQIPIHSEQRRGKHQPWQSPERPLSRLSPERSSDSESNENEPHLPHGVSQRRGVRDSSLV
VAFICKLHLKRGNFLVLKAKEMGLPVGTAAIAPIIAAVKDGKSITHEGREILAEELCTPPDPGAAFVVVECPDESFIQPI
CENATFQRYQGKADAPVALVVHMAPASVLVDSRYQQWMERFGPDTQHLVLNENCASVHNLRSHKIQTQLNLIHPDIFPLL
TSFRCKKEGPTLSVPMVQGECLLKYQLRPRREWQRDAIITCNPEEFIVEALQLPNFQQSVQEYRRSAQDGPAPAEKRSQY
PEIIFLGTGSAIPMKIRNVSATLVNISPDTSLLLDCGEGTFGQLCRHYGDQVDRVLGTLAAVFVSHLHADHHTGLPSILL
QRERALASLGKPLHPLLVVAPNQLKAWLQQYHNQCQEVLHHISMIPAKCLQEGAEISSPAVERLISSLLRTCDLEEFQTC
LVRHCKHAFGCALVHTSGWKVVYSGDTMPCEALVRMGKDATLLIHEATLEDGLEEEAVEKTHSTTSQAISVGMRMNAEFI
MLNHFSQRYAKVPLFSPNFSEKVGVAFDHMKVCFGDFPTMPKLIPPLKALFAGDIEEMEERREKRELRQVRAALLSRELA
GGLEDGEPQQKRAHTEEPQAKKVRAQ
;
_entity_poly.pdbx_strand_id   A
#
# COMPACT_ATOMS: atom_id res chain seq x y z
N THR A 57 30.76 -14.41 -0.46
CA THR A 57 30.25 -13.26 0.35
C THR A 57 28.74 -13.30 0.44
N VAL A 58 28.21 -13.03 1.63
CA VAL A 58 26.78 -13.08 1.87
C VAL A 58 26.42 -12.03 2.92
N TYR A 59 25.25 -11.43 2.77
CA TYR A 59 24.80 -10.38 3.66
C TYR A 59 23.36 -10.65 4.07
N LEU A 60 22.77 -9.67 4.76
CA LEU A 60 21.37 -9.67 5.12
C LEU A 60 20.90 -8.24 5.30
N GLN A 61 19.61 -8.00 5.11
CA GLN A 61 19.07 -6.64 5.20
C GLN A 61 17.63 -6.70 5.65
N VAL A 62 17.14 -5.57 6.18
CA VAL A 62 15.80 -5.47 6.72
C VAL A 62 15.02 -4.53 5.81
N VAL A 63 14.27 -5.09 4.86
CA VAL A 63 13.51 -4.26 3.94
C VAL A 63 12.52 -3.40 4.69
N ALA A 64 11.79 -3.99 5.64
CA ALA A 64 10.87 -3.24 6.49
C ALA A 64 11.17 -3.61 7.93
N ALA A 65 11.15 -2.61 8.82
CA ALA A 65 11.49 -2.82 10.22
C ALA A 65 10.29 -3.16 11.08
N GLY A 66 9.09 -3.29 10.50
CA GLY A 66 7.94 -3.70 11.25
C GLY A 66 7.09 -2.58 11.81
N SER A 67 7.18 -1.38 11.26
CA SER A 67 6.36 -0.28 11.73
C SER A 67 4.88 -0.62 11.60
N ARG A 68 4.03 0.21 12.19
CA ARG A 68 2.60 0.02 12.07
C ARG A 68 2.16 0.13 10.61
N ASP A 69 2.83 0.98 9.83
CA ASP A 69 2.44 1.21 8.44
C ASP A 69 2.92 0.13 7.49
N SER A 70 3.87 -0.71 7.91
CA SER A 70 4.38 -1.78 7.06
C SER A 70 4.87 -2.92 7.94
N GLY A 71 4.51 -4.14 7.54
CA GLY A 71 4.92 -5.31 8.30
C GLY A 71 6.41 -5.55 8.17
N ALA A 72 6.88 -6.61 8.82
CA ALA A 72 8.30 -6.96 8.75
C ALA A 72 8.59 -7.73 7.47
N ALA A 73 9.82 -7.57 6.97
CA ALA A 73 10.25 -8.27 5.78
C ALA A 73 11.77 -8.21 5.72
N LEU A 74 12.37 -9.32 5.28
CA LEU A 74 13.81 -9.47 5.30
C LEU A 74 14.28 -9.86 3.90
N TYR A 75 15.49 -9.45 3.56
CA TYR A 75 16.06 -9.65 2.24
C TYR A 75 17.49 -10.13 2.37
N VAL A 76 17.76 -11.31 1.81
CA VAL A 76 19.08 -11.93 1.85
C VAL A 76 19.57 -12.09 0.42
N PHE A 77 20.85 -11.84 0.20
CA PHE A 77 21.38 -11.98 -1.15
C PHE A 77 22.88 -12.27 -1.07
N SER A 78 23.37 -12.90 -2.13
CA SER A 78 24.78 -13.24 -2.24
C SER A 78 25.16 -13.15 -3.72
N GLU A 79 26.29 -13.77 -4.08
CA GLU A 79 26.76 -13.71 -5.45
C GLU A 79 25.87 -14.51 -6.39
N PHE A 80 25.26 -15.58 -5.90
CA PHE A 80 24.52 -16.52 -6.75
C PHE A 80 23.01 -16.34 -6.70
N ASN A 81 22.42 -16.30 -5.51
CA ASN A 81 20.97 -16.29 -5.38
C ASN A 81 20.54 -15.08 -4.57
N ARG A 82 19.23 -14.90 -4.47
CA ARG A 82 18.65 -13.88 -3.63
C ARG A 82 17.34 -14.41 -3.06
N TYR A 83 17.00 -13.96 -1.86
CA TYR A 83 15.89 -14.50 -1.11
C TYR A 83 15.00 -13.37 -0.61
N LEU A 84 13.88 -13.75 -0.01
CA LEU A 84 12.94 -12.80 0.57
C LEU A 84 12.08 -13.52 1.59
N PHE A 85 11.74 -12.81 2.66
CA PHE A 85 10.90 -13.33 3.72
C PHE A 85 9.70 -12.41 3.91
N ASN A 86 8.55 -13.00 4.24
CA ASN A 86 7.37 -12.25 4.63
C ASN A 86 7.11 -11.09 3.67
N CYS A 87 6.84 -11.40 2.39
CA CYS A 87 6.54 -10.38 1.39
C CYS A 87 5.14 -9.84 1.67
N GLY A 88 5.08 -8.87 2.59
CA GLY A 88 3.81 -8.26 2.96
C GLY A 88 3.42 -7.12 2.04
N GLU A 89 2.25 -6.55 2.32
CA GLU A 89 1.74 -5.45 1.51
C GLU A 89 2.68 -4.27 1.57
N GLY A 90 2.89 -3.63 0.41
CA GLY A 90 3.77 -2.49 0.32
C GLY A 90 5.24 -2.82 0.19
N VAL A 91 5.61 -4.10 0.21
CA VAL A 91 7.00 -4.47 0.09
C VAL A 91 7.56 -4.11 -1.29
N GLN A 92 6.77 -4.27 -2.34
CA GLN A 92 7.24 -3.97 -3.67
C GLN A 92 7.50 -2.49 -3.88
N ARG A 93 6.76 -1.61 -3.18
CA ARG A 93 7.12 -0.20 -3.16
C ARG A 93 8.57 -0.02 -2.73
N LEU A 94 8.93 -0.62 -1.59
CA LEU A 94 10.32 -0.68 -1.19
C LEU A 94 11.06 -1.60 -2.16
N MET A 95 12.37 -1.73 -1.95
CA MET A 95 13.23 -2.50 -2.85
C MET A 95 13.30 -1.85 -4.24
N GLN A 96 12.55 -0.77 -4.44
CA GLN A 96 12.65 -0.01 -5.68
C GLN A 96 13.13 1.40 -5.40
N GLU A 97 12.64 2.00 -4.31
CA GLU A 97 13.20 3.24 -3.81
C GLU A 97 14.67 3.09 -3.45
N HIS A 98 15.01 2.00 -2.76
CA HIS A 98 16.38 1.74 -2.34
C HIS A 98 17.21 1.13 -3.46
N LYS A 99 16.58 0.78 -4.57
CA LYS A 99 17.28 0.26 -5.74
C LYS A 99 18.00 -1.04 -5.43
N LEU A 100 17.30 -1.93 -4.73
CA LEU A 100 17.86 -3.23 -4.41
C LEU A 100 17.81 -4.15 -5.64
N LYS A 101 18.80 -5.02 -5.74
CA LYS A 101 18.93 -5.90 -6.91
C LYS A 101 17.96 -7.07 -6.80
N VAL A 102 16.83 -6.98 -7.50
CA VAL A 102 15.93 -8.11 -7.64
C VAL A 102 16.46 -8.96 -8.79
N ALA A 103 15.60 -9.36 -9.73
CA ALA A 103 16.02 -10.00 -10.97
C ALA A 103 16.62 -11.39 -10.75
N ARG A 104 16.70 -11.84 -9.50
CA ARG A 104 17.17 -13.22 -9.26
C ARG A 104 16.37 -13.90 -8.16
N LEU A 105 15.19 -13.41 -7.80
CA LEU A 105 14.46 -13.89 -6.62
C LEU A 105 13.87 -15.26 -6.92
N ASP A 106 14.72 -16.28 -6.78
CA ASP A 106 14.26 -17.65 -6.97
C ASP A 106 13.25 -18.06 -5.91
N ASN A 107 13.52 -17.73 -4.65
CA ASN A 107 12.76 -18.26 -3.53
C ASN A 107 12.13 -17.14 -2.71
N ILE A 108 10.94 -17.40 -2.20
CA ILE A 108 10.26 -16.54 -1.24
C ILE A 108 9.76 -17.42 -0.10
N PHE A 109 10.12 -17.05 1.13
CA PHE A 109 9.80 -17.84 2.31
C PHE A 109 8.80 -17.07 3.16
N LEU A 110 7.67 -17.70 3.46
CA LEU A 110 6.57 -17.04 4.16
C LEU A 110 6.32 -17.74 5.48
N THR A 111 6.19 -16.95 6.54
CA THR A 111 6.11 -17.50 7.89
C THR A 111 4.67 -17.66 8.39
N ARG A 112 3.70 -17.17 7.65
CA ARG A 112 2.31 -17.34 8.05
C ARG A 112 1.39 -17.04 6.87
N MET A 113 0.14 -17.47 7.01
CA MET A 113 -0.88 -17.26 6.00
C MET A 113 -1.59 -15.93 6.14
N HIS A 114 -1.20 -15.10 7.11
CA HIS A 114 -1.86 -13.82 7.35
C HIS A 114 -1.55 -12.87 6.19
N TRP A 115 -2.46 -11.92 5.97
CA TRP A 115 -2.30 -11.01 4.83
C TRP A 115 -1.02 -10.19 4.96
N SER A 116 -0.68 -9.76 6.17
CA SER A 116 0.53 -8.96 6.36
C SER A 116 1.79 -9.72 5.95
N ASN A 117 1.70 -11.03 5.82
CA ASN A 117 2.84 -11.85 5.41
C ASN A 117 2.82 -12.14 3.92
N VAL A 118 1.65 -12.15 3.28
CA VAL A 118 1.49 -12.67 1.93
C VAL A 118 0.88 -11.62 1.02
N GLY A 119 0.81 -10.37 1.47
CA GLY A 119 0.14 -9.33 0.70
C GLY A 119 0.94 -8.81 -0.48
N GLY A 120 2.26 -9.00 -0.49
CA GLY A 120 3.08 -8.42 -1.55
C GLY A 120 3.28 -9.33 -2.74
N LEU A 121 2.69 -10.52 -2.73
CA LEU A 121 2.89 -11.45 -3.85
C LEU A 121 2.31 -10.89 -5.14
N SER A 122 1.05 -10.47 -5.12
CA SER A 122 0.37 -10.11 -6.36
C SER A 122 1.17 -9.09 -7.16
N GLY A 123 1.88 -8.20 -6.48
CA GLY A 123 2.70 -7.23 -7.16
C GLY A 123 4.08 -7.74 -7.52
N MET A 124 4.62 -8.64 -6.68
CA MET A 124 5.96 -9.15 -6.94
C MET A 124 5.97 -10.10 -8.14
N ILE A 125 4.89 -10.87 -8.32
CA ILE A 125 4.79 -11.70 -9.52
C ILE A 125 4.88 -10.85 -10.77
N LEU A 126 4.16 -9.73 -10.80
CA LEU A 126 4.23 -8.85 -11.95
C LEU A 126 5.61 -8.19 -12.08
N THR A 127 6.21 -7.79 -10.97
CA THR A 127 7.54 -7.19 -11.04
C THR A 127 8.55 -8.16 -11.63
N LEU A 128 8.47 -9.44 -11.25
CA LEU A 128 9.32 -10.46 -11.86
C LEU A 128 8.94 -10.72 -13.32
N LYS A 129 7.63 -10.67 -13.63
CA LYS A 129 7.20 -10.72 -15.02
C LYS A 129 7.94 -9.68 -15.86
N GLU A 130 8.09 -8.47 -15.33
CA GLU A 130 9.03 -7.52 -15.89
C GLU A 130 10.45 -8.03 -15.69
N THR A 131 11.28 -7.86 -16.72
CA THR A 131 12.66 -8.36 -16.70
C THR A 131 12.72 -9.86 -16.90
N GLY A 132 11.56 -10.52 -16.97
CA GLY A 132 11.50 -11.90 -17.39
C GLY A 132 12.31 -12.87 -16.56
N LEU A 133 12.01 -12.99 -15.28
CA LEU A 133 12.64 -14.01 -14.46
C LEU A 133 11.97 -15.35 -14.75
N PRO A 134 12.72 -16.36 -15.22
CA PRO A 134 12.06 -17.60 -15.67
C PRO A 134 11.18 -18.27 -14.63
N LYS A 135 11.61 -18.30 -13.36
CA LYS A 135 10.92 -19.10 -12.38
C LYS A 135 11.06 -18.51 -10.98
N CYS A 136 10.12 -18.86 -10.11
CA CYS A 136 10.18 -18.51 -8.70
C CYS A 136 9.54 -19.64 -7.92
N VAL A 137 9.94 -19.79 -6.66
CA VAL A 137 9.47 -20.88 -5.80
C VAL A 137 8.98 -20.28 -4.50
N LEU A 138 7.78 -20.68 -4.07
CA LEU A 138 7.25 -20.27 -2.79
C LEU A 138 7.42 -21.38 -1.76
N SER A 139 7.59 -20.99 -0.50
CA SER A 139 7.74 -21.91 0.61
C SER A 139 6.97 -21.37 1.81
N GLY A 140 6.23 -22.24 2.49
CA GLY A 140 5.43 -21.82 3.61
C GLY A 140 4.39 -22.85 4.01
N PRO A 141 3.26 -22.39 4.56
CA PRO A 141 2.21 -23.31 4.99
C PRO A 141 1.63 -24.08 3.83
N PRO A 142 1.03 -25.26 4.08
CA PRO A 142 0.39 -26.00 2.98
C PRO A 142 -0.80 -25.28 2.39
N GLN A 143 -1.35 -24.28 3.08
CA GLN A 143 -2.48 -23.52 2.55
C GLN A 143 -2.08 -22.63 1.38
N LEU A 144 -0.78 -22.51 1.10
CA LEU A 144 -0.37 -21.82 -0.12
C LEU A 144 -0.81 -22.61 -1.34
N GLU A 145 -0.71 -21.96 -2.49
CA GLU A 145 -1.13 -22.48 -3.79
C GLU A 145 -2.65 -22.49 -3.93
N LYS A 146 -3.37 -22.43 -2.81
CA LYS A 146 -4.81 -22.25 -2.87
C LYS A 146 -5.16 -20.79 -2.68
N TYR A 147 -4.32 -20.08 -1.92
CA TYR A 147 -4.21 -18.63 -2.06
C TYR A 147 -3.92 -18.26 -3.50
N LEU A 148 -3.04 -19.03 -4.15
CA LEU A 148 -2.54 -18.65 -5.47
C LEU A 148 -3.58 -18.89 -6.56
N GLU A 149 -4.32 -20.00 -6.47
CA GLU A 149 -5.40 -20.17 -7.44
C GLU A 149 -6.48 -19.12 -7.26
N ALA A 150 -6.49 -18.43 -6.13
CA ALA A 150 -7.41 -17.30 -5.94
C ALA A 150 -6.90 -16.04 -6.61
N ILE A 151 -5.58 -15.82 -6.62
CA ILE A 151 -5.02 -14.61 -7.22
C ILE A 151 -5.27 -14.60 -8.72
N LYS A 152 -5.29 -15.79 -9.35
CA LYS A 152 -5.48 -15.86 -10.79
C LYS A 152 -6.87 -15.43 -11.22
N ILE A 153 -7.81 -15.28 -10.28
CA ILE A 153 -9.15 -14.83 -10.66
C ILE A 153 -9.13 -13.39 -11.13
N PHE A 154 -8.40 -12.52 -10.43
CA PHE A 154 -8.33 -11.11 -10.80
C PHE A 154 -7.04 -10.72 -11.48
N SER A 155 -5.94 -11.44 -11.22
CA SER A 155 -4.65 -11.06 -11.79
C SER A 155 -4.49 -11.49 -13.24
N GLY A 156 -5.41 -12.31 -13.75
CA GLY A 156 -5.32 -12.80 -15.11
C GLY A 156 -4.40 -14.00 -15.20
N PRO A 157 -4.83 -15.06 -15.88
CA PRO A 157 -4.01 -16.29 -15.92
C PRO A 157 -2.73 -16.11 -16.74
N LEU A 158 -1.77 -15.40 -16.15
CA LEU A 158 -0.51 -15.13 -16.82
C LEU A 158 0.31 -16.41 -16.92
N LYS A 159 0.91 -16.63 -18.09
CA LYS A 159 1.67 -17.83 -18.39
C LYS A 159 3.13 -17.56 -18.72
N GLY A 160 3.58 -16.31 -18.67
CA GLY A 160 4.98 -16.01 -18.89
C GLY A 160 5.89 -16.41 -17.75
N ILE A 161 5.35 -16.57 -16.54
CA ILE A 161 6.12 -16.93 -15.35
C ILE A 161 5.58 -18.24 -14.82
N GLU A 162 6.45 -19.22 -14.67
CA GLU A 162 6.12 -20.50 -14.06
C GLU A 162 6.64 -20.52 -12.63
N LEU A 163 5.81 -21.02 -11.71
CA LEU A 163 6.13 -20.97 -10.30
C LEU A 163 5.74 -22.28 -9.64
N ALA A 164 6.34 -22.53 -8.47
CA ALA A 164 6.08 -23.74 -7.70
C ALA A 164 5.94 -23.38 -6.23
N VAL A 165 5.30 -24.27 -5.48
CA VAL A 165 5.06 -24.10 -4.05
C VAL A 165 5.60 -25.30 -3.31
N ARG A 166 6.37 -25.04 -2.25
CA ARG A 166 6.94 -26.09 -1.42
C ARG A 166 6.27 -26.03 -0.04
N PRO A 167 5.57 -27.05 0.40
CA PRO A 167 4.96 -27.01 1.73
C PRO A 167 6.03 -27.18 2.79
N HIS A 168 5.59 -27.19 4.05
CA HIS A 168 6.50 -27.41 5.17
C HIS A 168 6.98 -28.86 5.24
N SER A 169 6.45 -29.75 4.41
CA SER A 169 6.86 -31.15 4.43
C SER A 169 8.27 -31.34 3.89
N ALA A 170 8.78 -30.39 3.09
CA ALA A 170 10.13 -30.52 2.56
C ALA A 170 11.14 -30.00 3.58
N PRO A 171 12.00 -30.85 4.15
CA PRO A 171 12.87 -30.39 5.24
C PRO A 171 14.20 -29.81 4.80
N GLU A 172 14.71 -30.21 3.64
CA GLU A 172 16.13 -30.04 3.31
C GLU A 172 16.42 -28.94 2.31
N TYR A 173 15.72 -28.91 1.17
CA TYR A 173 16.05 -27.97 0.09
C TYR A 173 17.46 -28.25 -0.42
N GLU A 174 18.48 -27.68 0.23
CA GLU A 174 19.87 -27.97 -0.15
C GLU A 174 20.12 -27.61 -1.61
N ASP A 175 20.15 -26.31 -1.93
CA ASP A 175 20.40 -25.92 -3.31
C ASP A 175 21.39 -24.77 -3.35
N GLU A 176 22.67 -25.10 -3.53
CA GLU A 176 23.69 -24.19 -4.04
C GLU A 176 24.12 -23.20 -2.96
N THR A 177 23.39 -23.10 -1.85
CA THR A 177 23.88 -22.42 -0.65
C THR A 177 22.79 -22.39 0.42
N MET A 178 23.23 -22.23 1.67
CA MET A 178 22.41 -21.74 2.77
C MET A 178 21.26 -22.67 3.15
N THR A 179 21.00 -23.71 2.35
CA THR A 179 20.34 -24.92 2.83
C THR A 179 19.19 -24.67 3.79
N VAL A 180 18.13 -24.00 3.33
CA VAL A 180 17.00 -23.68 4.20
C VAL A 180 16.47 -24.96 4.87
N TYR A 181 16.19 -24.87 6.16
CA TYR A 181 15.39 -25.86 6.87
C TYR A 181 14.10 -25.20 7.30
N GLN A 182 12.98 -25.88 7.07
CA GLN A 182 11.67 -25.39 7.48
C GLN A 182 11.24 -26.07 8.76
N ILE A 183 10.69 -25.29 9.70
CA ILE A 183 10.30 -25.81 11.00
C ILE A 183 8.86 -25.40 11.29
N PRO A 184 7.88 -26.26 11.00
CA PRO A 184 6.49 -25.91 11.35
C PRO A 184 6.32 -25.78 12.86
N ILE A 185 5.45 -24.86 13.27
CA ILE A 185 5.08 -24.68 14.67
C ILE A 185 3.59 -24.39 14.74
N HIS A 186 2.91 -25.00 15.71
CA HIS A 186 1.49 -24.76 15.91
C HIS A 186 1.26 -23.92 17.15
N SER A 187 0.01 -23.54 17.35
CA SER A 187 -0.39 -22.71 18.49
C SER A 187 -0.43 -23.53 19.76
N SER A 238 -3.54 -21.09 12.91
CA SER A 238 -3.05 -21.84 14.05
C SER A 238 -1.70 -22.48 13.76
N LEU A 239 -1.11 -22.13 12.61
CA LEU A 239 0.14 -22.72 12.17
C LEU A 239 1.09 -21.62 11.72
N VAL A 240 2.34 -21.71 12.19
CA VAL A 240 3.42 -20.86 11.73
C VAL A 240 4.63 -21.75 11.48
N VAL A 241 5.53 -21.27 10.62
CA VAL A 241 6.70 -22.03 10.21
C VAL A 241 7.93 -21.16 10.42
N ALA A 242 8.92 -21.68 11.14
CA ALA A 242 10.17 -20.99 11.38
C ALA A 242 11.27 -21.56 10.50
N PHE A 243 12.12 -20.69 10.00
CA PHE A 243 13.15 -21.06 9.03
C PHE A 243 14.52 -20.84 9.64
N ILE A 244 15.37 -21.86 9.51
CA ILE A 244 16.76 -21.78 9.92
C ILE A 244 17.63 -22.20 8.75
N CYS A 245 18.71 -21.45 8.54
CA CYS A 245 19.53 -21.62 7.34
C CYS A 245 20.97 -21.87 7.75
N LYS A 246 21.67 -22.67 6.94
CA LYS A 246 23.04 -23.07 7.24
C LYS A 246 23.89 -22.86 5.99
N LEU A 247 24.86 -21.97 6.06
CA LEU A 247 25.75 -21.74 4.94
C LEU A 247 26.69 -22.93 4.76
N HIS A 248 27.20 -23.10 3.54
CA HIS A 248 28.13 -24.17 3.24
C HIS A 248 29.52 -23.83 3.76
N ALA A 304 28.45 -20.58 9.57
CA ALA A 304 27.45 -19.74 10.24
C ALA A 304 26.06 -20.29 10.00
N ALA A 305 25.07 -19.72 10.70
CA ALA A 305 23.70 -20.16 10.57
C ALA A 305 22.76 -18.99 10.86
N PHE A 306 21.57 -19.06 10.29
CA PHE A 306 20.52 -18.07 10.51
C PHE A 306 19.44 -18.68 11.37
N VAL A 307 18.56 -17.82 11.88
CA VAL A 307 17.30 -18.25 12.49
C VAL A 307 16.30 -17.13 12.29
N VAL A 308 15.11 -17.47 11.77
CA VAL A 308 14.04 -16.52 11.57
C VAL A 308 12.77 -17.11 12.16
N VAL A 309 12.18 -16.42 13.13
CA VAL A 309 11.03 -16.91 13.87
C VAL A 309 9.96 -15.84 13.88
N GLU A 310 8.71 -16.26 13.84
CA GLU A 310 7.56 -15.37 13.99
C GLU A 310 6.67 -15.89 15.12
N CYS A 311 6.40 -15.03 16.10
CA CYS A 311 5.64 -15.40 17.29
C CYS A 311 4.52 -14.40 17.48
N PRO A 312 3.44 -14.51 16.70
CA PRO A 312 2.38 -13.48 16.74
C PRO A 312 1.69 -13.31 18.08
N ASP A 313 1.45 -14.39 18.84
CA ASP A 313 0.65 -14.32 20.04
C ASP A 313 1.40 -14.96 21.20
N GLU A 314 0.78 -14.90 22.38
CA GLU A 314 1.35 -15.57 23.54
C GLU A 314 1.21 -17.08 23.47
N SER A 315 0.22 -17.58 22.74
CA SER A 315 -0.02 -19.01 22.67
C SER A 315 1.11 -19.77 21.97
N PHE A 316 1.93 -19.07 21.18
CA PHE A 316 3.00 -19.72 20.44
C PHE A 316 4.29 -19.86 21.25
N ILE A 317 4.38 -19.23 22.41
CA ILE A 317 5.64 -19.21 23.16
C ILE A 317 6.02 -20.61 23.60
N GLN A 318 5.08 -21.33 24.23
CA GLN A 318 5.39 -22.65 24.75
C GLN A 318 5.79 -23.60 23.63
N PRO A 319 5.06 -23.72 22.52
CA PRO A 319 5.57 -24.54 21.41
C PRO A 319 6.93 -24.12 20.89
N ILE A 320 7.19 -22.80 20.78
CA ILE A 320 8.44 -22.35 20.20
C ILE A 320 9.62 -22.78 21.07
N CYS A 321 9.51 -22.57 22.39
CA CYS A 321 10.66 -22.83 23.25
C CYS A 321 10.90 -24.32 23.47
N GLU A 322 9.90 -25.17 23.21
CA GLU A 322 10.02 -26.59 23.44
C GLU A 322 10.34 -27.41 22.18
N ASN A 323 10.53 -26.74 21.04
CA ASN A 323 10.84 -27.48 19.82
C ASN A 323 12.23 -28.09 19.90
N ALA A 324 12.38 -29.28 19.32
CA ALA A 324 13.66 -29.98 19.39
C ALA A 324 14.60 -29.60 18.24
N THR A 325 14.10 -28.90 17.22
CA THR A 325 14.95 -28.58 16.08
C THR A 325 16.05 -27.58 16.45
N PHE A 326 15.73 -26.61 17.30
CA PHE A 326 16.70 -25.57 17.63
C PHE A 326 17.75 -26.05 18.63
N GLN A 327 17.57 -27.26 19.19
CA GLN A 327 18.43 -27.69 20.29
C GLN A 327 19.75 -28.26 19.83
N ARG A 328 19.92 -28.56 18.54
CA ARG A 328 21.22 -28.98 18.04
C ARG A 328 22.08 -27.81 17.59
N TYR A 329 21.59 -26.59 17.73
CA TYR A 329 22.36 -25.38 17.45
C TYR A 329 22.61 -24.54 18.70
N GLN A 330 21.81 -24.74 19.74
CA GLN A 330 22.02 -24.03 21.00
C GLN A 330 23.20 -24.62 21.76
N GLY A 331 23.89 -23.77 22.50
CA GLY A 331 25.07 -24.19 23.24
C GLY A 331 26.31 -24.23 22.37
N LYS A 332 26.39 -25.19 21.45
CA LYS A 332 27.54 -25.32 20.56
C LYS A 332 27.08 -26.08 19.33
N ALA A 333 27.25 -25.46 18.16
CA ALA A 333 26.85 -26.08 16.90
C ALA A 333 27.94 -26.99 16.37
N PRO A 336 27.70 -22.31 14.12
CA PRO A 336 27.28 -21.41 15.19
C PRO A 336 26.25 -20.38 14.73
N VAL A 337 25.15 -20.28 15.47
CA VAL A 337 24.07 -19.38 15.08
C VAL A 337 24.55 -17.94 15.20
N ALA A 338 24.72 -17.29 14.05
CA ALA A 338 25.25 -15.92 14.03
C ALA A 338 24.21 -14.87 14.40
N LEU A 339 22.94 -15.12 14.12
CA LEU A 339 21.89 -14.15 14.39
C LEU A 339 20.59 -14.89 14.67
N VAL A 340 19.66 -14.19 15.32
CA VAL A 340 18.28 -14.62 15.45
C VAL A 340 17.40 -13.42 15.18
N VAL A 341 16.36 -13.60 14.38
CA VAL A 341 15.42 -12.54 14.04
C VAL A 341 14.08 -12.90 14.65
N HIS A 342 13.52 -11.99 15.44
CA HIS A 342 12.23 -12.16 16.08
C HIS A 342 11.25 -11.15 15.49
N MET A 343 10.05 -11.61 15.17
CA MET A 343 8.95 -10.74 14.76
C MET A 343 7.77 -11.03 15.68
N ALA A 344 7.74 -10.37 16.83
CA ALA A 344 6.74 -10.66 17.85
C ALA A 344 6.26 -9.34 18.43
N PRO A 345 5.00 -9.27 18.87
CA PRO A 345 4.52 -8.04 19.51
C PRO A 345 5.24 -7.77 20.81
N ALA A 346 5.33 -6.49 21.16
CA ALA A 346 6.04 -6.10 22.37
C ALA A 346 5.43 -6.75 23.61
N SER A 347 4.12 -7.00 23.60
CA SER A 347 3.48 -7.57 24.77
C SER A 347 4.03 -8.96 25.09
N VAL A 348 4.23 -9.79 24.07
CA VAL A 348 4.66 -11.17 24.28
C VAL A 348 6.17 -11.32 24.22
N LEU A 349 6.91 -10.25 23.96
CA LEU A 349 8.34 -10.38 23.75
C LEU A 349 9.05 -10.80 25.03
N VAL A 350 8.54 -10.39 26.19
CA VAL A 350 9.20 -10.69 27.46
C VAL A 350 8.67 -11.98 28.07
N ASP A 351 7.36 -12.06 28.33
CA ASP A 351 6.78 -13.23 28.97
C ASP A 351 7.58 -13.62 30.20
N SER A 352 7.48 -14.87 30.63
CA SER A 352 8.38 -15.41 31.63
C SER A 352 9.02 -16.68 31.08
N ARG A 353 8.23 -17.48 30.36
CA ARG A 353 8.79 -18.67 29.71
C ARG A 353 9.76 -18.27 28.62
N TYR A 354 9.55 -17.11 28.02
CA TYR A 354 10.48 -16.58 27.03
C TYR A 354 11.73 -16.06 27.74
N GLN A 355 12.77 -15.79 26.96
CA GLN A 355 14.07 -15.37 27.48
C GLN A 355 14.81 -16.53 28.13
N GLN A 356 14.14 -17.69 28.26
CA GLN A 356 14.86 -18.91 28.57
C GLN A 356 15.23 -19.66 27.30
N TRP A 357 14.69 -19.23 26.16
CA TRP A 357 14.98 -19.87 24.88
C TRP A 357 16.04 -19.12 24.10
N MET A 358 15.90 -17.80 24.01
CA MET A 358 16.93 -16.98 23.37
C MET A 358 18.19 -16.91 24.20
N GLU A 359 18.15 -17.36 25.45
CA GLU A 359 19.34 -17.33 26.29
C GLU A 359 20.31 -18.46 25.93
N ARG A 360 19.78 -19.64 25.61
CA ARG A 360 20.64 -20.81 25.44
C ARG A 360 21.57 -20.70 24.24
N PHE A 361 21.33 -19.78 23.32
CA PHE A 361 22.22 -19.59 22.18
C PHE A 361 23.57 -19.02 22.60
N GLY A 362 23.65 -18.44 23.80
CA GLY A 362 24.88 -17.86 24.28
C GLY A 362 24.99 -16.40 23.91
N PRO A 363 25.67 -15.61 24.75
CA PRO A 363 25.77 -14.16 24.47
C PRO A 363 26.52 -13.84 23.18
N ASP A 364 27.36 -14.73 22.68
CA ASP A 364 28.10 -14.44 21.46
C ASP A 364 27.18 -14.18 20.28
N THR A 365 25.95 -14.66 20.34
CA THR A 365 24.96 -14.40 19.30
C THR A 365 24.17 -13.14 19.64
N GLN A 366 23.74 -12.45 18.58
CA GLN A 366 23.00 -11.20 18.74
C GLN A 366 21.60 -11.38 18.18
N HIS A 367 20.63 -10.74 18.82
CA HIS A 367 19.22 -10.90 18.50
C HIS A 367 18.67 -9.61 17.90
N LEU A 368 17.99 -9.73 16.77
CA LEU A 368 17.36 -8.61 16.09
C LEU A 368 15.85 -8.74 16.23
N VAL A 369 15.19 -7.64 16.56
CA VAL A 369 13.76 -7.63 16.85
C VAL A 369 13.09 -6.59 15.97
N LEU A 370 11.88 -6.91 15.51
CA LEU A 370 11.15 -6.06 14.59
C LEU A 370 9.75 -5.78 15.11
N ASN A 371 9.64 -5.42 16.38
CA ASN A 371 8.33 -5.15 16.97
C ASN A 371 7.65 -3.99 16.24
N GLU A 372 6.43 -3.69 16.67
CA GLU A 372 5.73 -2.53 16.14
C GLU A 372 6.34 -1.22 16.65
N ASN A 373 7.25 -1.30 17.63
CA ASN A 373 7.90 -0.11 18.15
C ASN A 373 9.05 0.38 17.26
N CYS A 374 9.21 -0.19 16.07
CA CYS A 374 10.30 0.20 15.19
C CYS A 374 9.97 1.48 14.44
N ALA A 375 10.13 2.63 15.09
CA ALA A 375 9.78 3.90 14.47
C ALA A 375 10.92 4.41 13.60
N SER A 376 10.60 4.63 12.32
CA SER A 376 11.57 5.13 11.36
C SER A 376 10.84 5.45 10.06
N VAL A 377 11.58 6.03 9.13
CA VAL A 377 11.05 6.39 7.80
C VAL A 377 11.76 5.51 6.77
N HIS A 378 10.97 4.81 5.95
CA HIS A 378 11.50 3.88 4.98
C HIS A 378 11.55 4.42 3.56
N ASN A 379 11.09 5.66 3.34
CA ASN A 379 10.91 6.18 2.00
C ASN A 379 11.82 7.35 1.66
N LEU A 380 12.04 8.27 2.59
CA LEU A 380 12.91 9.41 2.36
C LEU A 380 12.36 10.34 1.28
N ARG A 381 12.26 9.85 0.04
CA ARG A 381 11.92 10.73 -1.08
C ARG A 381 10.51 11.30 -0.95
N SER A 382 9.55 10.49 -0.50
CA SER A 382 8.20 11.00 -0.33
C SER A 382 8.17 12.13 0.70
N HIS A 383 8.89 11.96 1.82
CA HIS A 383 8.97 13.01 2.82
C HIS A 383 9.64 14.26 2.27
N LYS A 384 10.71 14.07 1.49
CA LYS A 384 11.40 15.19 0.87
C LYS A 384 10.43 16.01 0.02
N ILE A 385 9.74 15.35 -0.90
CA ILE A 385 8.85 16.06 -1.82
C ILE A 385 7.70 16.69 -1.05
N GLN A 386 7.23 16.02 0.01
CA GLN A 386 6.10 16.57 0.76
C GLN A 386 6.51 17.82 1.52
N THR A 387 7.69 17.83 2.13
CA THR A 387 8.14 19.04 2.81
C THR A 387 8.38 20.18 1.81
N GLN A 388 8.97 19.86 0.67
CA GLN A 388 9.17 20.90 -0.34
C GLN A 388 7.84 21.48 -0.80
N LEU A 389 6.83 20.62 -1.00
CA LEU A 389 5.50 21.11 -1.35
C LEU A 389 4.91 21.96 -0.23
N ASN A 390 5.01 21.48 1.01
CA ASN A 390 4.52 22.26 2.14
C ASN A 390 5.15 23.63 2.20
N LEU A 391 6.37 23.76 1.65
CA LEU A 391 6.96 25.08 1.52
C LEU A 391 6.04 26.03 0.77
N ILE A 392 5.22 25.52 -0.15
CA ILE A 392 4.36 26.38 -0.96
C ILE A 392 3.17 26.87 -0.14
N HIS A 393 2.33 25.95 0.34
CA HIS A 393 1.11 26.30 1.04
C HIS A 393 0.79 25.21 2.07
N PRO A 394 1.02 25.45 3.35
CA PRO A 394 0.98 24.34 4.32
C PRO A 394 -0.40 23.74 4.54
N ASP A 395 -1.49 24.50 4.37
CA ASP A 395 -2.81 23.99 4.71
C ASP A 395 -3.21 22.82 3.85
N ILE A 396 -2.86 22.84 2.55
CA ILE A 396 -3.24 21.76 1.66
C ILE A 396 -2.13 20.75 1.43
N PHE A 397 -0.96 20.95 2.05
CA PHE A 397 0.13 19.97 2.02
C PHE A 397 0.63 19.72 3.43
N PRO A 398 -0.15 19.03 4.27
CA PRO A 398 0.30 18.76 5.64
C PRO A 398 1.56 17.90 5.65
N LEU A 399 2.35 18.05 6.70
CA LEU A 399 3.53 17.22 6.87
C LEU A 399 3.14 15.81 7.27
N LEU A 400 3.97 14.85 6.89
CA LEU A 400 3.74 13.46 7.26
C LEU A 400 4.22 13.21 8.69
N THR A 401 3.82 12.06 9.22
CA THR A 401 4.19 11.66 10.57
C THR A 401 4.45 10.16 10.58
N SER A 402 5.32 9.73 11.49
CA SER A 402 5.68 8.32 11.61
C SER A 402 5.44 7.83 13.03
N LEU A 412 18.36 -7.45 29.31
CA LEU A 412 18.38 -8.88 28.99
C LEU A 412 19.73 -9.49 29.33
N SER A 413 19.74 -10.82 29.53
CA SER A 413 21.00 -11.51 29.77
C SER A 413 21.88 -11.54 28.54
N VAL A 414 21.34 -11.19 27.38
CA VAL A 414 22.10 -11.19 26.12
C VAL A 414 21.85 -9.89 25.38
N PRO A 415 22.77 -9.46 24.50
CA PRO A 415 22.54 -8.24 23.73
C PRO A 415 21.33 -8.38 22.81
N MET A 416 20.65 -7.26 22.57
CA MET A 416 19.50 -7.22 21.68
C MET A 416 19.43 -5.86 21.00
N VAL A 417 19.22 -5.87 19.69
CA VAL A 417 19.18 -4.65 18.90
C VAL A 417 17.88 -4.59 18.11
N GLN A 418 17.29 -3.40 18.09
CA GLN A 418 16.03 -3.19 17.41
C GLN A 418 16.26 -2.86 15.94
N GLY A 419 15.34 -3.30 15.10
CA GLY A 419 15.54 -3.21 13.67
C GLY A 419 15.27 -1.81 13.13
N GLU A 420 16.01 -1.46 12.08
CA GLU A 420 15.87 -0.19 11.39
C GLU A 420 15.69 -0.49 9.91
N CYS A 421 15.74 0.55 9.09
CA CYS A 421 15.57 0.37 7.65
C CYS A 421 16.81 -0.30 7.06
N LEU A 422 16.57 -1.34 6.26
CA LEU A 422 17.62 -2.15 5.64
C LEU A 422 18.73 -2.54 6.64
N LEU A 423 19.50 -1.57 7.11
CA LEU A 423 20.69 -1.92 7.90
C LEU A 423 21.52 -2.89 7.05
N LYS A 424 22.29 -3.77 7.68
CA LYS A 424 23.11 -4.70 6.93
C LYS A 424 23.81 -5.63 7.92
N TYR A 425 24.40 -6.70 7.39
CA TYR A 425 25.11 -7.66 8.23
C TYR A 425 26.12 -8.42 7.36
N GLN A 426 27.10 -9.01 8.02
CA GLN A 426 28.03 -9.92 7.37
C GLN A 426 28.13 -11.19 8.20
N LEU A 427 28.30 -12.32 7.53
CA LEU A 427 28.29 -13.60 8.21
C LEU A 427 29.64 -14.31 8.13
N ARG A 428 30.22 -14.40 6.93
CA ARG A 428 31.45 -15.16 6.78
C ARG A 428 32.68 -14.40 7.31
N PRO A 429 33.03 -13.21 6.80
CA PRO A 429 34.28 -12.58 7.23
C PRO A 429 34.30 -12.28 8.71
N ARG A 430 33.30 -11.53 9.19
CA ARG A 430 33.08 -11.38 10.61
C ARG A 430 31.65 -10.88 10.82
N ARG A 431 31.10 -11.22 11.99
CA ARG A 431 29.70 -10.96 12.30
C ARG A 431 29.57 -9.53 12.82
N GLU A 432 29.44 -8.58 11.90
CA GLU A 432 29.38 -7.17 12.24
C GLU A 432 28.26 -6.49 11.48
N TRP A 433 27.53 -5.61 12.16
CA TRP A 433 26.54 -4.79 11.52
C TRP A 433 27.21 -3.73 10.65
N GLN A 434 26.47 -3.24 9.66
CA GLN A 434 26.93 -2.14 8.83
C GLN A 434 25.77 -1.22 8.52
N ARG A 435 25.97 0.08 8.78
CA ARG A 435 25.01 1.11 8.41
C ARG A 435 25.39 1.77 7.09
N ASP A 436 25.54 0.97 6.04
CA ASP A 436 26.01 1.49 4.76
C ASP A 436 25.01 2.45 4.15
N ALA A 437 23.71 2.09 4.16
CA ALA A 437 22.72 2.90 3.46
C ALA A 437 21.46 3.14 4.27
N ILE A 438 21.55 3.29 5.59
CA ILE A 438 20.36 3.64 6.37
C ILE A 438 19.78 4.95 5.85
N ILE A 439 18.52 5.18 6.16
CA ILE A 439 17.77 6.33 5.66
C ILE A 439 17.57 7.32 6.79
N THR A 440 17.80 8.60 6.50
CA THR A 440 17.60 9.67 7.47
C THR A 440 16.93 10.85 6.78
N CYS A 441 16.19 11.63 7.56
CA CYS A 441 15.43 12.77 7.06
C CYS A 441 15.98 14.06 7.65
N ASN A 442 16.21 15.05 6.78
CA ASN A 442 16.82 16.33 7.15
C ASN A 442 15.98 17.46 6.57
N PRO A 443 14.89 17.84 7.24
CA PRO A 443 13.98 18.83 6.64
C PRO A 443 14.65 20.12 6.21
N GLU A 444 15.58 20.65 7.01
CA GLU A 444 16.21 21.91 6.68
C GLU A 444 17.06 21.78 5.42
N GLU A 445 17.79 20.67 5.28
CA GLU A 445 18.58 20.46 4.08
C GLU A 445 17.68 20.32 2.86
N PHE A 446 16.54 19.65 3.01
CA PHE A 446 15.59 19.59 1.90
C PHE A 446 15.12 20.98 1.50
N ILE A 447 14.81 21.83 2.49
CA ILE A 447 14.33 23.18 2.17
C ILE A 447 15.41 23.97 1.44
N VAL A 448 16.65 23.92 1.93
CA VAL A 448 17.71 24.70 1.30
C VAL A 448 18.03 24.15 -0.09
N GLU A 449 17.92 22.84 -0.31
CA GLU A 449 18.08 22.31 -1.66
C GLU A 449 16.95 22.80 -2.55
N ALA A 450 15.72 22.84 -2.03
CA ALA A 450 14.59 23.28 -2.84
C ALA A 450 14.74 24.72 -3.26
N LEU A 451 15.22 25.58 -2.35
CA LEU A 451 15.28 27.00 -2.65
C LEU A 451 16.30 27.36 -3.73
N GLN A 452 17.04 26.38 -4.26
CA GLN A 452 18.01 26.64 -5.30
C GLN A 452 17.52 26.28 -6.70
N LEU A 453 16.31 25.77 -6.84
CA LEU A 453 15.78 25.46 -8.15
C LEU A 453 15.54 26.75 -8.94
N PRO A 454 15.51 26.68 -10.27
CA PRO A 454 15.33 27.89 -11.07
C PRO A 454 13.96 28.50 -10.86
N ASN A 455 13.94 29.73 -10.34
CA ASN A 455 12.72 30.52 -10.19
C ASN A 455 11.67 29.80 -9.34
N PHE A 456 12.08 28.98 -8.38
CA PHE A 456 11.11 28.40 -7.45
C PHE A 456 10.76 29.38 -6.35
N GLN A 457 11.77 30.02 -5.75
CA GLN A 457 11.52 30.98 -4.69
C GLN A 457 10.71 32.16 -5.20
N GLN A 458 11.03 32.64 -6.40
CA GLN A 458 10.27 33.74 -6.98
C GLN A 458 8.81 33.34 -7.18
N SER A 459 8.58 32.13 -7.69
CA SER A 459 7.22 31.68 -7.91
C SER A 459 6.44 31.56 -6.61
N VAL A 460 7.07 31.01 -5.56
CA VAL A 460 6.39 30.90 -4.27
C VAL A 460 6.08 32.29 -3.72
N GLN A 461 7.01 33.23 -3.86
CA GLN A 461 6.77 34.60 -3.41
C GLN A 461 5.57 35.21 -4.14
N GLU A 462 5.54 35.05 -5.47
CA GLU A 462 4.42 35.61 -6.23
C GLU A 462 3.10 34.98 -5.81
N TYR A 463 3.09 33.66 -5.59
CA TYR A 463 1.88 33.00 -5.14
C TYR A 463 1.43 33.52 -3.78
N ARG A 464 2.39 33.72 -2.87
CA ARG A 464 2.04 34.20 -1.55
C ARG A 464 1.47 35.62 -1.61
N ARG A 465 2.00 36.45 -2.50
CA ARG A 465 1.42 37.77 -2.70
C ARG A 465 0.02 37.68 -3.30
N SER A 466 -0.20 36.73 -4.22
CA SER A 466 -1.51 36.59 -4.85
C SER A 466 -2.53 36.02 -3.88
N ALA A 467 -2.09 35.28 -2.87
CA ALA A 467 -3.02 34.67 -1.92
C ALA A 467 -3.88 35.69 -1.19
N GLN A 468 -3.45 36.95 -1.12
CA GLN A 468 -4.23 37.98 -0.45
C GLN A 468 -5.60 38.15 -1.08
N ASP A 469 -5.78 37.74 -2.33
CA ASP A 469 -7.07 37.83 -3.00
C ASP A 469 -8.13 37.06 -2.24
N SER A 478 -18.01 25.49 2.44
CA SER A 478 -17.37 25.40 3.75
C SER A 478 -16.20 24.42 3.71
N GLN A 479 -15.57 24.22 4.86
CA GLN A 479 -14.41 23.34 4.96
C GLN A 479 -14.78 21.92 5.34
N TYR A 480 -16.07 21.62 5.54
CA TYR A 480 -16.44 20.28 6.01
C TYR A 480 -16.33 19.24 4.90
N PRO A 481 -17.03 19.36 3.78
CA PRO A 481 -16.84 18.38 2.70
C PRO A 481 -15.47 18.55 2.06
N GLU A 482 -14.56 17.62 2.31
CA GLU A 482 -13.19 17.74 1.84
C GLU A 482 -12.73 16.38 1.33
N ILE A 483 -11.69 16.41 0.49
CA ILE A 483 -11.14 15.20 -0.13
C ILE A 483 -9.63 15.20 0.07
N ILE A 484 -9.11 14.01 0.37
CA ILE A 484 -7.67 13.81 0.56
C ILE A 484 -7.19 12.83 -0.50
N PHE A 485 -6.10 13.17 -1.17
CA PHE A 485 -5.56 12.37 -2.27
C PHE A 485 -4.48 11.44 -1.71
N LEU A 486 -4.90 10.26 -1.29
CA LEU A 486 -3.98 9.27 -0.76
C LEU A 486 -3.11 8.63 -1.83
N GLY A 487 -3.63 8.53 -3.06
CA GLY A 487 -2.88 7.93 -4.15
C GLY A 487 -3.40 8.37 -5.50
N THR A 488 -2.49 8.59 -6.45
CA THR A 488 -2.86 9.11 -7.77
C THR A 488 -2.13 8.43 -8.92
N GLY A 489 -1.36 7.39 -8.67
CA GLY A 489 -0.55 6.76 -9.70
C GLY A 489 -1.32 5.74 -10.52
N SER A 490 -0.61 5.14 -11.47
CA SER A 490 -1.15 4.09 -12.31
C SER A 490 -0.09 3.01 -12.48
N ALA A 491 -0.55 1.78 -12.70
CA ALA A 491 0.36 0.65 -12.82
C ALA A 491 1.20 0.50 -11.55
N ILE A 492 2.28 -0.26 -11.62
CA ILE A 492 3.11 -0.46 -10.43
C ILE A 492 3.64 0.89 -9.96
N PRO A 493 3.55 1.22 -8.67
CA PRO A 493 3.96 2.56 -8.23
C PRO A 493 5.46 2.76 -8.35
N MET A 494 5.86 4.03 -8.40
CA MET A 494 7.23 4.42 -8.71
C MET A 494 7.73 5.50 -7.73
N LYS A 495 7.54 5.26 -6.45
CA LYS A 495 8.24 6.00 -5.39
C LYS A 495 7.77 7.43 -5.20
N ILE A 496 6.91 7.94 -6.08
CA ILE A 496 6.40 9.29 -5.91
C ILE A 496 4.88 9.28 -5.81
N ARG A 497 4.22 8.58 -6.72
CA ARG A 497 2.78 8.42 -6.71
C ARG A 497 2.44 6.96 -6.43
N ASN A 498 1.62 6.73 -5.41
CA ASN A 498 1.17 5.39 -5.09
C ASN A 498 -0.04 5.02 -5.94
N VAL A 499 -0.42 3.75 -5.86
CA VAL A 499 -1.61 3.25 -6.54
C VAL A 499 -2.80 4.10 -6.14
N SER A 500 -3.78 4.22 -7.02
CA SER A 500 -4.84 5.21 -6.87
C SER A 500 -5.65 4.99 -5.60
N ALA A 501 -5.84 6.05 -4.83
CA ALA A 501 -6.75 6.07 -3.70
C ALA A 501 -7.14 7.52 -3.42
N THR A 502 -8.30 7.71 -2.78
CA THR A 502 -8.80 9.06 -2.52
C THR A 502 -9.86 8.97 -1.43
N LEU A 503 -9.66 9.71 -0.34
CA LEU A 503 -10.58 9.70 0.78
C LEU A 503 -11.50 10.92 0.74
N VAL A 504 -12.80 10.68 0.83
CA VAL A 504 -13.80 11.73 0.87
C VAL A 504 -14.56 11.60 2.18
N ASN A 505 -14.57 12.67 2.97
CA ASN A 505 -15.23 12.68 4.27
C ASN A 505 -16.23 13.81 4.33
N ILE A 506 -17.45 13.48 4.75
CA ILE A 506 -18.57 14.43 4.76
C ILE A 506 -18.68 15.15 6.10
N SER A 507 -17.97 14.73 7.11
CA SER A 507 -18.05 15.32 8.44
C SER A 507 -16.89 14.77 9.27
N PRO A 508 -16.58 15.40 10.41
CA PRO A 508 -15.47 14.89 11.22
C PRO A 508 -15.68 13.46 11.72
N ASP A 509 -16.86 12.89 11.47
CA ASP A 509 -17.16 11.53 11.90
C ASP A 509 -17.94 10.72 10.87
N THR A 510 -17.71 10.92 9.57
CA THR A 510 -18.33 10.10 8.53
C THR A 510 -17.50 10.23 7.27
N SER A 511 -17.10 9.09 6.68
CA SER A 511 -16.14 9.12 5.60
C SER A 511 -16.52 8.11 4.52
N LEU A 512 -15.72 8.11 3.45
CA LEU A 512 -15.90 7.21 2.31
C LEU A 512 -14.59 7.21 1.53
N LEU A 513 -14.20 6.04 1.02
CA LEU A 513 -12.81 5.83 0.60
C LEU A 513 -12.61 5.72 -0.90
N LEU A 514 -13.64 5.40 -1.69
CA LEU A 514 -13.46 5.21 -3.12
C LEU A 514 -12.50 4.04 -3.36
N ASP A 515 -11.67 4.12 -4.40
CA ASP A 515 -10.81 3.00 -4.74
C ASP A 515 -9.83 2.70 -3.60
N CYS A 516 -9.53 1.42 -3.43
CA CYS A 516 -8.82 0.92 -2.27
C CYS A 516 -7.62 0.07 -2.68
N GLY A 517 -6.84 0.56 -3.64
CA GLY A 517 -5.73 -0.20 -4.17
C GLY A 517 -4.68 -0.51 -3.11
N GLU A 518 -3.56 -1.05 -3.58
CA GLU A 518 -2.50 -1.48 -2.68
C GLU A 518 -1.88 -0.29 -1.96
N GLY A 519 -1.49 -0.50 -0.70
CA GLY A 519 -0.80 0.51 0.08
C GLY A 519 -1.69 1.59 0.65
N THR A 520 -3.00 1.41 0.62
CA THR A 520 -3.90 2.46 1.09
C THR A 520 -3.73 2.70 2.59
N PHE A 521 -3.73 1.64 3.39
CA PHE A 521 -3.62 1.81 4.84
C PHE A 521 -2.28 2.44 5.22
N GLY A 522 -1.21 2.06 4.54
CA GLY A 522 0.08 2.67 4.81
C GLY A 522 0.06 4.17 4.57
N GLN A 523 -0.55 4.59 3.46
CA GLN A 523 -0.67 6.01 3.19
C GLN A 523 -1.51 6.70 4.25
N LEU A 524 -2.64 6.09 4.63
CA LEU A 524 -3.49 6.70 5.64
C LEU A 524 -2.76 6.86 6.96
N CYS A 525 -2.01 5.83 7.36
CA CYS A 525 -1.26 5.91 8.61
C CYS A 525 -0.16 6.96 8.55
N ARG A 526 0.62 6.98 7.47
CA ARG A 526 1.68 7.96 7.35
C ARG A 526 1.14 9.36 7.14
N HIS A 527 -0.14 9.50 6.84
CA HIS A 527 -0.78 10.81 6.74
C HIS A 527 -1.36 11.29 8.07
N TYR A 528 -2.03 10.42 8.83
CA TYR A 528 -2.71 10.86 10.05
C TYR A 528 -1.91 10.59 11.32
N GLY A 529 -1.13 9.50 11.37
CA GLY A 529 -0.36 9.24 12.58
C GLY A 529 -1.17 8.47 13.60
N ASP A 530 -1.33 9.05 14.78
CA ASP A 530 -2.04 8.40 15.86
C ASP A 530 -3.56 8.51 15.75
N GLN A 531 -4.06 9.31 14.81
CA GLN A 531 -5.51 9.46 14.67
C GLN A 531 -6.12 8.37 13.81
N VAL A 532 -5.31 7.45 13.29
CA VAL A 532 -5.85 6.38 12.44
C VAL A 532 -6.88 5.56 13.20
N ASP A 533 -6.66 5.32 14.48
CA ASP A 533 -7.62 4.54 15.26
C ASP A 533 -8.98 5.22 15.35
N ARG A 534 -9.06 6.52 15.03
CA ARG A 534 -10.33 7.22 15.00
C ARG A 534 -10.81 7.45 13.57
N VAL A 535 -9.89 7.70 12.64
CA VAL A 535 -10.29 7.88 11.24
C VAL A 535 -10.87 6.59 10.69
N LEU A 536 -10.24 5.46 10.97
CA LEU A 536 -10.79 4.17 10.56
C LEU A 536 -12.14 3.93 11.21
N GLY A 537 -12.42 4.59 12.33
CA GLY A 537 -13.70 4.44 12.99
C GLY A 537 -14.81 5.27 12.37
N THR A 538 -14.51 6.02 11.31
CA THR A 538 -15.52 6.83 10.64
C THR A 538 -15.93 6.28 9.28
N LEU A 539 -15.16 5.34 8.72
CA LEU A 539 -15.47 4.80 7.40
C LEU A 539 -16.88 4.21 7.40
N ALA A 540 -17.62 4.48 6.34
CA ALA A 540 -18.97 3.95 6.19
C ALA A 540 -19.11 3.07 4.97
N ALA A 541 -18.28 3.26 3.94
CA ALA A 541 -18.37 2.45 2.74
C ALA A 541 -17.10 2.63 1.91
N VAL A 542 -16.89 1.71 0.97
CA VAL A 542 -15.80 1.77 0.02
C VAL A 542 -16.35 1.49 -1.37
N PHE A 543 -15.66 1.99 -2.39
CA PHE A 543 -16.09 1.87 -3.78
C PHE A 543 -14.91 1.53 -4.65
N VAL A 544 -14.93 0.33 -5.26
CA VAL A 544 -13.90 -0.09 -6.20
C VAL A 544 -14.47 0.02 -7.61
N SER A 545 -13.73 0.69 -8.50
CA SER A 545 -14.22 0.92 -9.85
C SER A 545 -14.27 -0.37 -10.66
N HIS A 546 -13.19 -1.15 -10.64
CA HIS A 546 -13.13 -2.39 -11.40
C HIS A 546 -12.01 -3.25 -10.81
N LEU A 547 -11.85 -4.45 -11.37
CA LEU A 547 -10.92 -5.44 -10.85
C LEU A 547 -9.58 -5.30 -11.56
N HIS A 548 -8.70 -4.48 -11.00
CA HIS A 548 -7.30 -4.44 -11.40
C HIS A 548 -6.45 -4.33 -10.15
N ALA A 549 -5.25 -4.93 -10.21
CA ALA A 549 -4.39 -4.97 -9.04
C ALA A 549 -4.12 -3.59 -8.46
N ASP A 550 -4.47 -2.52 -9.18
CA ASP A 550 -4.26 -1.17 -8.67
C ASP A 550 -5.53 -0.57 -8.06
N HIS A 551 -6.59 -1.36 -7.92
CA HIS A 551 -7.88 -0.78 -7.54
C HIS A 551 -8.59 -1.52 -6.41
N HIS A 552 -8.23 -2.76 -6.10
CA HIS A 552 -8.92 -3.45 -5.01
C HIS A 552 -8.01 -4.26 -4.10
N THR A 553 -6.69 -4.25 -4.30
CA THR A 553 -5.82 -5.16 -3.57
C THR A 553 -5.81 -4.90 -2.07
N GLY A 554 -5.83 -3.62 -1.67
CA GLY A 554 -5.58 -3.26 -0.29
C GLY A 554 -6.77 -3.31 0.65
N LEU A 555 -7.92 -3.78 0.18
CA LEU A 555 -9.11 -3.81 1.02
C LEU A 555 -8.97 -4.66 2.28
N PRO A 556 -8.44 -5.89 2.25
CA PRO A 556 -8.34 -6.66 3.49
C PRO A 556 -7.51 -5.97 4.56
N SER A 557 -6.47 -5.22 4.17
CA SER A 557 -5.74 -4.42 5.15
C SER A 557 -6.63 -3.41 5.83
N ILE A 558 -7.51 -2.74 5.09
CA ILE A 558 -8.44 -1.81 5.72
C ILE A 558 -9.38 -2.55 6.65
N LEU A 559 -9.90 -3.69 6.22
CA LEU A 559 -10.88 -4.40 7.05
C LEU A 559 -10.27 -4.84 8.37
N LEU A 560 -9.10 -5.48 8.33
CA LEU A 560 -8.49 -6.00 9.54
C LEU A 560 -8.14 -4.89 10.52
N GLN A 561 -7.60 -3.78 10.01
CA GLN A 561 -7.24 -2.67 10.89
C GLN A 561 -8.46 -1.93 11.41
N ARG A 562 -9.53 -1.85 10.62
CA ARG A 562 -10.78 -1.29 11.11
C ARG A 562 -11.32 -2.11 12.27
N GLU A 563 -11.18 -3.44 12.19
CA GLU A 563 -11.59 -4.28 13.32
C GLU A 563 -10.86 -3.88 14.59
N ARG A 564 -9.53 -3.75 14.51
CA ARG A 564 -8.76 -3.39 15.70
C ARG A 564 -9.13 -2.00 16.20
N ALA A 565 -9.32 -1.05 15.28
CA ALA A 565 -9.70 0.29 15.69
C ALA A 565 -11.02 0.29 16.44
N LEU A 566 -12.00 -0.44 15.91
CA LEU A 566 -13.28 -0.57 16.61
C LEU A 566 -13.08 -1.21 17.98
N ALA A 567 -12.17 -2.18 18.08
CA ALA A 567 -11.91 -2.82 19.37
C ALA A 567 -11.34 -1.82 20.37
N SER A 568 -10.39 -0.98 19.94
CA SER A 568 -9.73 -0.07 20.87
C SER A 568 -10.70 0.98 21.41
N LEU A 569 -11.69 1.37 20.62
CA LEU A 569 -12.67 2.37 21.06
C LEU A 569 -13.81 1.75 21.87
N GLY A 570 -13.83 0.44 22.04
CA GLY A 570 -14.88 -0.19 22.83
C GLY A 570 -16.24 -0.21 22.17
N LYS A 571 -16.31 -0.53 20.88
CA LYS A 571 -17.57 -0.67 20.18
C LYS A 571 -17.57 -1.93 19.34
N PRO A 572 -18.74 -2.52 19.09
CA PRO A 572 -18.79 -3.78 18.35
C PRO A 572 -18.45 -3.56 16.88
N LEU A 573 -18.21 -4.68 16.18
CA LEU A 573 -17.86 -4.64 14.78
C LEU A 573 -19.13 -4.47 13.95
N HIS A 574 -19.16 -3.43 13.12
CA HIS A 574 -20.24 -3.22 12.17
C HIS A 574 -19.70 -3.45 10.77
N PRO A 575 -20.31 -4.32 9.96
CA PRO A 575 -19.73 -4.62 8.64
C PRO A 575 -19.55 -3.37 7.80
N LEU A 576 -18.45 -3.32 7.07
CA LEU A 576 -18.12 -2.18 6.23
C LEU A 576 -18.70 -2.37 4.84
N LEU A 577 -19.68 -1.55 4.49
CA LEU A 577 -20.31 -1.67 3.18
C LEU A 577 -19.27 -1.50 2.09
N VAL A 578 -19.38 -2.30 1.03
CA VAL A 578 -18.52 -2.18 -0.14
C VAL A 578 -19.38 -2.30 -1.39
N VAL A 579 -19.24 -1.33 -2.28
CA VAL A 579 -19.86 -1.38 -3.61
C VAL A 579 -18.77 -1.77 -4.60
N ALA A 580 -19.00 -2.86 -5.33
CA ALA A 580 -17.95 -3.43 -6.17
C ALA A 580 -18.60 -4.23 -7.28
N PRO A 581 -17.85 -4.58 -8.32
CA PRO A 581 -18.35 -5.53 -9.31
C PRO A 581 -18.60 -6.89 -8.68
N ASN A 582 -19.55 -7.63 -9.25
CA ASN A 582 -19.89 -8.94 -8.70
C ASN A 582 -18.70 -9.88 -8.73
N GLN A 583 -17.73 -9.65 -9.63
CA GLN A 583 -16.59 -10.54 -9.75
C GLN A 583 -15.64 -10.47 -8.57
N LEU A 584 -15.78 -9.46 -7.70
CA LEU A 584 -14.90 -9.37 -6.54
C LEU A 584 -15.22 -10.43 -5.50
N LYS A 585 -16.50 -10.81 -5.38
CA LYS A 585 -16.90 -11.76 -4.34
C LYS A 585 -16.17 -13.08 -4.45
N ALA A 586 -15.82 -13.49 -5.67
CA ALA A 586 -15.14 -14.77 -5.85
C ALA A 586 -13.78 -14.78 -5.16
N TRP A 587 -13.00 -13.72 -5.35
CA TRP A 587 -11.68 -13.66 -4.73
C TRP A 587 -11.79 -13.67 -3.21
N LEU A 588 -12.74 -12.89 -2.68
CA LEU A 588 -12.93 -12.86 -1.23
C LEU A 588 -13.37 -14.21 -0.69
N GLN A 589 -14.25 -14.90 -1.40
CA GLN A 589 -14.69 -16.23 -0.95
C GLN A 589 -13.54 -17.22 -0.95
N GLN A 590 -12.72 -17.19 -2.01
CA GLN A 590 -11.56 -18.09 -2.05
C GLN A 590 -10.60 -17.80 -0.91
N TYR A 591 -10.31 -16.53 -0.65
CA TYR A 591 -9.44 -16.20 0.47
C TYR A 591 -10.06 -16.63 1.79
N HIS A 592 -11.36 -16.40 1.98
CA HIS A 592 -12.03 -16.76 3.22
C HIS A 592 -11.94 -18.26 3.45
N ASN A 593 -12.10 -19.05 2.41
CA ASN A 593 -12.12 -20.49 2.56
C ASN A 593 -10.72 -21.08 2.66
N GLN A 594 -9.71 -20.38 2.14
CA GLN A 594 -8.38 -20.98 2.02
C GLN A 594 -7.33 -20.39 2.95
N CYS A 595 -7.42 -19.10 3.31
CA CYS A 595 -6.36 -18.47 4.11
C CYS A 595 -6.84 -18.04 5.48
N GLN A 596 -7.87 -17.20 5.58
CA GLN A 596 -8.37 -16.76 6.87
C GLN A 596 -9.74 -16.11 6.68
N GLU A 597 -10.50 -16.03 7.78
CA GLU A 597 -11.85 -15.52 7.71
C GLU A 597 -11.84 -13.99 7.68
N VAL A 598 -12.24 -13.42 6.54
CA VAL A 598 -12.27 -11.97 6.37
C VAL A 598 -13.60 -11.53 5.80
N LEU A 599 -14.45 -12.50 5.42
CA LEU A 599 -15.69 -12.14 4.73
C LEU A 599 -16.75 -11.59 5.68
N HIS A 600 -16.65 -11.91 6.97
CA HIS A 600 -17.71 -11.47 7.88
C HIS A 600 -17.61 -9.98 8.23
N HIS A 601 -16.54 -9.31 7.81
CA HIS A 601 -16.42 -7.87 8.00
C HIS A 601 -17.09 -7.06 6.90
N ILE A 602 -17.59 -7.70 5.85
CA ILE A 602 -17.99 -7.03 4.62
C ILE A 602 -19.49 -7.24 4.40
N SER A 603 -20.15 -6.21 3.89
CA SER A 603 -21.48 -6.32 3.32
C SER A 603 -21.40 -5.80 1.88
N MET A 604 -21.77 -6.65 0.93
CA MET A 604 -21.52 -6.37 -0.48
C MET A 604 -22.77 -5.84 -1.15
N ILE A 605 -22.60 -4.74 -1.88
CA ILE A 605 -23.63 -4.19 -2.76
C ILE A 605 -23.14 -4.36 -4.20
N PRO A 606 -23.80 -5.16 -5.02
CA PRO A 606 -23.40 -5.25 -6.44
C PRO A 606 -23.57 -3.90 -7.12
N ALA A 607 -22.51 -3.43 -7.75
CA ALA A 607 -22.55 -2.10 -8.37
C ALA A 607 -23.63 -1.99 -9.43
N LYS A 608 -24.06 -3.12 -10.02
CA LYS A 608 -25.06 -3.06 -11.07
C LYS A 608 -26.38 -2.50 -10.56
N CYS A 609 -26.66 -2.63 -9.26
CA CYS A 609 -27.93 -2.18 -8.72
C CYS A 609 -27.97 -0.68 -8.47
N LEU A 610 -26.85 0.02 -8.64
CA LEU A 610 -26.78 1.46 -8.40
C LEU A 610 -26.56 2.26 -9.69
N GLN A 611 -27.02 1.76 -10.82
CA GLN A 611 -26.88 2.45 -12.10
C GLN A 611 -28.24 2.59 -12.77
N GLU A 612 -28.23 3.24 -13.93
CA GLU A 612 -29.43 3.42 -14.74
C GLU A 612 -30.04 2.07 -15.08
N PRO A 619 -35.87 -6.82 -2.39
CA PRO A 619 -35.47 -5.59 -1.70
C PRO A 619 -34.31 -5.82 -0.73
N ALA A 620 -33.71 -7.00 -0.77
CA ALA A 620 -32.62 -7.33 0.14
C ALA A 620 -31.45 -6.37 -0.04
N VAL A 621 -31.08 -6.09 -1.29
CA VAL A 621 -30.00 -5.13 -1.54
C VAL A 621 -30.53 -3.71 -1.52
N GLU A 622 -31.83 -3.53 -1.77
CA GLU A 622 -32.41 -2.19 -1.72
C GLU A 622 -32.33 -1.61 -0.32
N ARG A 623 -32.56 -2.44 0.70
CA ARG A 623 -32.47 -1.94 2.08
C ARG A 623 -31.03 -1.63 2.47
N LEU A 624 -30.07 -2.42 1.98
CA LEU A 624 -28.67 -2.09 2.21
C LEU A 624 -28.28 -0.79 1.50
N ILE A 625 -28.85 -0.55 0.32
CA ILE A 625 -28.63 0.73 -0.37
C ILE A 625 -29.22 1.86 0.46
N SER A 626 -30.40 1.66 1.03
CA SER A 626 -30.98 2.67 1.91
C SER A 626 -30.08 2.94 3.10
N SER A 627 -29.50 1.90 3.68
CA SER A 627 -28.55 2.09 4.77
C SER A 627 -27.34 2.90 4.32
N LEU A 628 -26.81 2.60 3.13
CA LEU A 628 -25.67 3.35 2.62
C LEU A 628 -26.02 4.82 2.48
N LEU A 629 -27.19 5.12 1.90
CA LEU A 629 -27.58 6.50 1.68
C LEU A 629 -27.79 7.23 3.00
N ARG A 630 -28.41 6.58 3.97
CA ARG A 630 -28.73 7.24 5.22
C ARG A 630 -27.51 7.43 6.11
N THR A 631 -26.54 6.51 6.04
CA THR A 631 -25.36 6.62 6.89
C THR A 631 -24.46 7.79 6.49
N CYS A 632 -24.67 8.39 5.33
CA CYS A 632 -23.89 9.53 4.88
C CYS A 632 -24.75 10.74 4.53
N ASP A 633 -26.06 10.68 4.77
CA ASP A 633 -26.98 11.77 4.44
C ASP A 633 -26.97 12.08 2.94
N LEU A 634 -26.49 11.14 2.14
CA LEU A 634 -26.47 11.32 0.70
C LEU A 634 -27.88 11.19 0.13
N GLU A 635 -28.25 12.12 -0.74
CA GLU A 635 -29.59 12.09 -1.32
C GLU A 635 -29.71 10.99 -2.37
N GLU A 636 -28.63 10.71 -3.10
CA GLU A 636 -28.65 9.69 -4.13
C GLU A 636 -27.24 9.20 -4.40
N PHE A 637 -27.13 7.94 -4.80
CA PHE A 637 -25.88 7.32 -5.20
C PHE A 637 -26.07 6.72 -6.59
N GLN A 638 -25.20 7.09 -7.52
CA GLN A 638 -25.41 6.78 -8.93
C GLN A 638 -24.19 6.06 -9.47
N THR A 639 -24.43 5.18 -10.45
CA THR A 639 -23.37 4.41 -11.09
C THR A 639 -23.65 4.32 -12.58
N CYS A 640 -22.59 4.11 -13.36
CA CYS A 640 -22.71 4.03 -14.80
C CYS A 640 -21.60 3.14 -15.35
N LEU A 641 -21.95 2.34 -16.35
CA LEU A 641 -20.96 1.46 -17.00
C LEU A 641 -20.09 2.30 -17.94
N VAL A 642 -18.89 2.61 -17.49
CA VAL A 642 -17.95 3.41 -18.27
C VAL A 642 -17.22 2.53 -19.27
N ARG A 643 -16.43 3.16 -20.15
CA ARG A 643 -15.63 2.46 -21.13
C ARG A 643 -14.49 1.75 -20.40
N HIS A 644 -13.48 1.27 -21.12
CA HIS A 644 -12.41 0.44 -20.55
C HIS A 644 -12.88 -1.02 -20.64
N CYS A 645 -12.41 -1.86 -19.73
CA CYS A 645 -12.65 -3.29 -19.82
C CYS A 645 -14.08 -3.62 -19.40
N LYS A 646 -14.40 -4.91 -19.43
CA LYS A 646 -15.72 -5.37 -19.03
C LYS A 646 -15.98 -5.05 -17.57
N HIS A 647 -17.19 -4.57 -17.29
CA HIS A 647 -17.63 -4.29 -15.92
C HIS A 647 -16.69 -3.33 -15.21
N ALA A 648 -16.60 -2.11 -15.75
CA ALA A 648 -15.92 -1.00 -15.11
C ALA A 648 -16.91 0.14 -14.94
N PHE A 649 -16.92 0.76 -13.76
CA PHE A 649 -17.97 1.70 -13.37
C PHE A 649 -17.39 2.99 -12.85
N GLY A 650 -18.21 4.04 -12.93
CA GLY A 650 -17.98 5.28 -12.20
C GLY A 650 -19.13 5.52 -11.24
N CYS A 651 -19.04 6.62 -10.50
CA CYS A 651 -20.05 6.91 -9.50
C CYS A 651 -20.20 8.42 -9.32
N ALA A 652 -21.38 8.80 -8.83
CA ALA A 652 -21.67 10.19 -8.50
C ALA A 652 -22.32 10.24 -7.12
N LEU A 653 -21.93 11.24 -6.33
CA LEU A 653 -22.47 11.43 -4.99
C LEU A 653 -23.08 12.82 -4.90
N VAL A 654 -24.34 12.89 -4.44
CA VAL A 654 -25.04 14.15 -4.27
C VAL A 654 -25.59 14.20 -2.84
N HIS A 655 -25.29 15.28 -2.14
CA HIS A 655 -25.59 15.41 -0.72
C HIS A 655 -26.86 16.23 -0.50
N THR A 656 -27.45 16.05 0.69
CA THR A 656 -28.64 16.82 1.04
C THR A 656 -28.37 18.31 1.01
N SER A 657 -27.11 18.72 1.24
CA SER A 657 -26.73 20.12 1.13
C SER A 657 -26.69 20.60 -0.31
N GLY A 658 -26.67 19.68 -1.27
CA GLY A 658 -26.71 20.04 -2.67
C GLY A 658 -25.40 19.91 -3.41
N TRP A 659 -24.28 19.76 -2.71
CA TRP A 659 -23.01 19.61 -3.39
C TRP A 659 -22.91 18.23 -4.03
N LYS A 660 -22.35 18.20 -5.24
CA LYS A 660 -22.30 16.98 -6.05
C LYS A 660 -20.87 16.75 -6.51
N VAL A 661 -20.40 15.52 -6.35
CA VAL A 661 -19.06 15.12 -6.78
C VAL A 661 -19.19 13.82 -7.56
N VAL A 662 -18.51 13.74 -8.70
CA VAL A 662 -18.54 12.57 -9.58
C VAL A 662 -17.13 12.04 -9.75
N TYR A 663 -16.97 10.74 -9.57
CA TYR A 663 -15.70 10.06 -9.74
C TYR A 663 -15.79 9.19 -10.98
N SER A 664 -14.91 9.46 -11.96
CA SER A 664 -14.99 8.78 -13.25
C SER A 664 -14.50 7.35 -13.18
N GLY A 665 -13.39 7.09 -12.49
CA GLY A 665 -12.73 5.80 -12.62
C GLY A 665 -11.83 5.84 -13.85
N ASP A 666 -11.60 4.68 -14.45
CA ASP A 666 -10.78 4.58 -15.65
C ASP A 666 -11.67 4.49 -16.87
N THR A 667 -11.59 5.50 -17.74
CA THR A 667 -12.41 5.56 -18.94
C THR A 667 -11.64 6.30 -20.02
N MET A 668 -12.04 6.06 -21.26
CA MET A 668 -11.72 6.90 -22.39
C MET A 668 -12.93 7.77 -22.67
N PRO A 669 -12.76 8.94 -23.29
CA PRO A 669 -13.86 9.91 -23.34
C PRO A 669 -15.15 9.26 -23.82
N CYS A 670 -16.14 9.21 -22.92
CA CYS A 670 -17.39 8.52 -23.16
C CYS A 670 -18.53 9.39 -22.71
N GLU A 671 -19.73 9.09 -23.21
CA GLU A 671 -20.93 9.87 -22.89
C GLU A 671 -21.69 9.30 -21.69
N ALA A 672 -21.18 8.23 -21.07
CA ALA A 672 -21.77 7.77 -19.82
C ALA A 672 -21.68 8.86 -18.75
N LEU A 673 -20.52 9.50 -18.65
CA LEU A 673 -20.44 10.75 -17.93
C LEU A 673 -21.26 11.81 -18.66
N VAL A 674 -21.54 12.91 -17.97
CA VAL A 674 -22.48 13.92 -18.45
C VAL A 674 -23.89 13.35 -18.32
N ARG A 675 -24.15 12.24 -19.01
CA ARG A 675 -25.44 11.57 -18.85
C ARG A 675 -25.64 11.10 -17.41
N MET A 676 -24.56 10.88 -16.67
CA MET A 676 -24.68 10.50 -15.26
C MET A 676 -25.22 11.64 -14.40
N GLY A 677 -25.33 12.84 -14.95
CA GLY A 677 -25.80 13.99 -14.20
C GLY A 677 -24.79 15.10 -14.11
N LYS A 678 -25.06 16.18 -14.83
CA LYS A 678 -24.16 17.32 -14.91
C LYS A 678 -24.49 18.33 -13.80
N ASP A 679 -23.74 19.43 -13.80
CA ASP A 679 -23.76 20.42 -12.72
C ASP A 679 -23.10 19.90 -11.46
N ALA A 680 -22.02 19.15 -11.61
CA ALA A 680 -21.29 18.64 -10.44
C ALA A 680 -20.31 19.68 -9.93
N THR A 681 -20.33 19.88 -8.61
CA THR A 681 -19.43 20.87 -8.00
C THR A 681 -17.97 20.51 -8.24
N LEU A 682 -17.64 19.22 -8.16
CA LEU A 682 -16.28 18.78 -8.41
C LEU A 682 -16.33 17.53 -9.28
N LEU A 683 -15.26 17.31 -10.05
CA LEU A 683 -15.15 16.17 -10.93
C LEU A 683 -13.70 15.68 -10.91
N ILE A 684 -13.54 14.37 -10.95
CA ILE A 684 -12.22 13.72 -10.94
C ILE A 684 -12.12 12.85 -12.19
N HIS A 685 -11.04 13.04 -12.95
CA HIS A 685 -10.87 12.35 -14.21
C HIS A 685 -9.41 11.92 -14.35
N GLU A 686 -9.16 11.01 -15.27
CA GLU A 686 -7.84 10.39 -15.42
C GLU A 686 -7.05 11.07 -16.54
N ALA A 687 -5.87 11.57 -16.21
CA ALA A 687 -4.87 11.97 -17.19
C ALA A 687 -3.82 10.89 -17.42
N THR A 688 -4.22 9.69 -17.81
CA THR A 688 -3.27 8.58 -17.87
C THR A 688 -2.22 8.76 -18.96
N LEU A 689 -2.40 9.73 -19.86
CA LEU A 689 -1.47 9.94 -20.96
C LEU A 689 -1.32 11.44 -21.22
N GLU A 690 -0.21 11.81 -21.85
CA GLU A 690 -0.02 13.19 -22.28
C GLU A 690 -0.64 13.40 -23.65
N ASP A 691 -0.82 14.67 -24.01
CA ASP A 691 -1.38 15.01 -25.30
C ASP A 691 -0.45 14.58 -26.42
N GLY A 692 -1.04 14.30 -27.58
CA GLY A 692 -0.30 13.79 -28.72
C GLY A 692 -0.23 12.29 -28.80
N LEU A 693 -0.65 11.57 -27.76
CA LEU A 693 -0.70 10.12 -27.75
C LEU A 693 -2.11 9.58 -27.91
N GLU A 694 -2.98 10.29 -28.62
CA GLU A 694 -4.34 9.81 -28.83
C GLU A 694 -4.36 8.43 -29.48
N GLU A 695 -3.34 8.11 -30.28
CA GLU A 695 -3.29 6.79 -30.90
C GLU A 695 -3.18 5.71 -29.84
N GLU A 696 -2.36 5.94 -28.81
CA GLU A 696 -2.25 5.00 -27.70
C GLU A 696 -3.51 5.01 -26.83
N ALA A 697 -4.14 6.16 -26.67
CA ALA A 697 -5.41 6.24 -25.96
C ALA A 697 -6.53 5.48 -26.66
N VAL A 698 -6.45 5.32 -27.98
CA VAL A 698 -7.41 4.53 -28.73
C VAL A 698 -7.04 3.05 -28.75
N GLU A 699 -5.77 2.75 -29.02
CA GLU A 699 -5.32 1.36 -29.05
C GLU A 699 -5.49 0.69 -27.69
N LYS A 700 -5.26 1.43 -26.62
CA LYS A 700 -5.51 0.96 -25.26
C LYS A 700 -6.49 1.91 -24.60
N THR A 701 -7.31 1.35 -23.71
CA THR A 701 -8.44 2.09 -23.15
C THR A 701 -8.03 3.03 -22.03
N HIS A 702 -7.38 4.14 -22.35
CA HIS A 702 -7.05 5.18 -21.40
C HIS A 702 -7.15 6.54 -22.08
N SER A 703 -7.16 7.60 -21.27
CA SER A 703 -7.49 8.94 -21.75
C SER A 703 -6.29 9.86 -21.59
N THR A 704 -6.12 10.74 -22.56
CA THR A 704 -5.11 11.78 -22.49
C THR A 704 -5.60 12.95 -21.65
N THR A 705 -4.68 13.84 -21.28
CA THR A 705 -5.05 14.97 -20.44
C THR A 705 -6.06 15.87 -21.15
N SER A 706 -5.82 16.20 -22.43
CA SER A 706 -6.72 17.09 -23.15
C SER A 706 -8.11 16.47 -23.26
N GLN A 707 -8.17 15.17 -23.55
CA GLN A 707 -9.46 14.48 -23.60
C GLN A 707 -10.16 14.53 -22.26
N ALA A 708 -9.40 14.37 -21.17
CA ALA A 708 -10.00 14.40 -19.84
C ALA A 708 -10.59 15.78 -19.54
N ILE A 709 -9.85 16.84 -19.85
CA ILE A 709 -10.36 18.19 -19.60
C ILE A 709 -11.56 18.46 -20.48
N SER A 710 -11.54 17.97 -21.72
CA SER A 710 -12.70 18.15 -22.60
C SER A 710 -13.93 17.46 -22.03
N VAL A 711 -13.78 16.23 -21.55
CA VAL A 711 -14.90 15.52 -20.96
C VAL A 711 -15.42 16.26 -19.74
N GLY A 712 -14.51 16.77 -18.90
CA GLY A 712 -14.94 17.51 -17.74
C GLY A 712 -15.70 18.76 -18.08
N MET A 713 -15.22 19.50 -19.09
CA MET A 713 -15.87 20.76 -19.46
C MET A 713 -17.21 20.52 -20.13
N ARG A 714 -17.33 19.45 -20.93
CA ARG A 714 -18.63 19.08 -21.47
C ARG A 714 -19.63 18.79 -20.36
N MET A 715 -19.16 18.17 -19.27
CA MET A 715 -20.00 17.89 -18.11
C MET A 715 -20.39 19.15 -17.36
N ASN A 716 -19.76 20.29 -17.66
CA ASN A 716 -20.10 21.56 -17.03
C ASN A 716 -19.90 21.52 -15.52
N ALA A 717 -18.86 20.84 -15.07
CA ALA A 717 -18.55 20.82 -13.65
C ALA A 717 -17.86 22.11 -13.23
N GLU A 718 -18.11 22.52 -11.99
CA GLU A 718 -17.53 23.76 -11.49
C GLU A 718 -16.01 23.68 -11.42
N PHE A 719 -15.46 22.55 -11.00
CA PHE A 719 -14.02 22.36 -10.95
C PHE A 719 -13.69 20.99 -11.53
N ILE A 720 -12.51 20.89 -12.16
CA ILE A 720 -12.05 19.65 -12.78
C ILE A 720 -10.72 19.28 -12.12
N MET A 721 -10.59 18.03 -11.71
CA MET A 721 -9.41 17.54 -11.00
C MET A 721 -8.85 16.33 -11.73
N LEU A 722 -7.55 16.34 -11.98
CA LEU A 722 -6.90 15.25 -12.71
C LEU A 722 -6.25 14.27 -11.73
N ASN A 723 -6.34 12.98 -12.05
CA ASN A 723 -5.84 11.92 -11.18
C ASN A 723 -5.43 10.73 -12.04
N HIS A 724 -4.99 9.66 -11.38
CA HIS A 724 -4.61 8.42 -12.05
C HIS A 724 -3.62 8.72 -13.19
N PHE A 725 -2.47 9.25 -12.81
CA PHE A 725 -1.54 9.80 -13.78
C PHE A 725 -0.73 8.71 -14.46
N SER A 726 -0.03 9.10 -15.52
CA SER A 726 0.72 8.14 -16.33
C SER A 726 1.89 7.56 -15.55
N GLN A 727 2.24 6.33 -15.88
CA GLN A 727 3.34 5.63 -15.23
C GLN A 727 4.70 5.99 -15.82
N ARG A 728 4.73 6.79 -16.89
CA ARG A 728 5.99 7.15 -17.52
C ARG A 728 6.75 8.25 -16.78
N TYR A 729 6.05 9.25 -16.27
CA TYR A 729 6.71 10.48 -15.83
C TYR A 729 6.58 10.73 -14.33
N ALA A 730 5.34 10.72 -13.83
CA ALA A 730 5.06 10.94 -12.41
C ALA A 730 5.34 12.37 -11.98
N LYS A 731 5.78 13.23 -12.91
CA LYS A 731 6.01 14.63 -12.59
C LYS A 731 4.79 15.45 -12.97
N VAL A 732 4.92 16.78 -12.93
CA VAL A 732 3.84 17.65 -13.39
C VAL A 732 3.51 17.33 -14.84
N PRO A 733 2.24 17.30 -15.24
CA PRO A 733 1.91 16.96 -16.62
C PRO A 733 2.35 18.05 -17.59
N LEU A 734 2.02 17.83 -18.86
CA LEU A 734 2.29 18.82 -19.89
C LEU A 734 1.08 19.73 -20.05
N PHE A 735 1.31 21.04 -20.06
CA PHE A 735 0.22 21.98 -20.17
C PHE A 735 -0.21 22.15 -21.63
N SER A 736 -1.47 22.49 -21.83
CA SER A 736 -2.04 22.69 -23.14
C SER A 736 -2.93 23.93 -23.10
N PRO A 737 -3.27 24.49 -24.26
CA PRO A 737 -4.08 25.71 -24.27
C PRO A 737 -5.41 25.57 -23.54
N ASN A 738 -6.04 24.40 -23.57
CA ASN A 738 -7.34 24.21 -22.96
C ASN A 738 -7.27 24.12 -21.43
N PHE A 739 -6.11 24.38 -20.83
CA PHE A 739 -5.98 24.36 -19.38
C PHE A 739 -6.66 25.60 -18.79
N SER A 740 -7.99 25.55 -18.68
CA SER A 740 -8.74 26.70 -18.22
C SER A 740 -8.57 26.91 -16.72
N GLU A 741 -9.30 27.89 -16.19
CA GLU A 741 -9.26 28.18 -14.76
C GLU A 741 -9.84 27.05 -13.93
N LYS A 742 -10.57 26.13 -14.55
CA LYS A 742 -11.27 25.07 -13.83
C LYS A 742 -10.47 23.80 -13.72
N VAL A 743 -9.21 23.80 -14.16
CA VAL A 743 -8.40 22.59 -14.16
C VAL A 743 -7.42 22.61 -12.99
N GLY A 744 -7.05 21.43 -12.53
CA GLY A 744 -6.07 21.30 -11.47
C GLY A 744 -5.29 20.02 -11.66
N VAL A 745 -4.14 19.94 -10.98
CA VAL A 745 -3.27 18.77 -11.03
C VAL A 745 -3.17 18.22 -9.62
N ALA A 746 -3.52 16.95 -9.45
CA ALA A 746 -3.50 16.33 -8.14
C ALA A 746 -2.12 15.75 -7.84
N PHE A 747 -1.77 15.75 -6.55
CA PHE A 747 -0.53 15.17 -6.08
C PHE A 747 -0.81 14.28 -4.88
N ASP A 748 0.14 13.41 -4.56
CA ASP A 748 -0.03 12.48 -3.46
C ASP A 748 -0.03 13.24 -2.14
N HIS A 749 -0.89 12.80 -1.22
CA HIS A 749 -0.98 13.30 0.15
C HIS A 749 -1.57 14.71 0.22
N MET A 750 -2.22 15.17 -0.83
CA MET A 750 -2.71 16.55 -0.86
C MET A 750 -4.15 16.63 -0.38
N LYS A 751 -4.52 17.82 0.12
CA LYS A 751 -5.82 18.05 0.75
C LYS A 751 -6.52 19.18 0.01
N VAL A 752 -7.86 19.14 -0.03
CA VAL A 752 -8.64 20.07 -0.83
C VAL A 752 -10.00 20.28 -0.17
N CYS A 753 -10.53 21.51 -0.30
CA CYS A 753 -11.88 21.87 0.12
C CYS A 753 -12.54 22.67 -0.98
N PHE A 754 -13.87 22.81 -0.88
CA PHE A 754 -14.61 23.56 -1.88
C PHE A 754 -14.23 25.05 -1.88
N GLY A 755 -13.71 25.56 -0.77
CA GLY A 755 -13.24 26.94 -0.74
C GLY A 755 -11.87 27.15 -1.34
N ASP A 756 -11.17 26.07 -1.70
CA ASP A 756 -9.82 26.19 -2.23
C ASP A 756 -9.77 26.30 -3.75
N PHE A 757 -10.92 26.15 -4.42
CA PHE A 757 -10.91 26.24 -5.88
C PHE A 757 -10.41 27.57 -6.42
N PRO A 758 -10.80 28.74 -5.89
CA PRO A 758 -10.31 29.99 -6.49
C PRO A 758 -8.80 30.16 -6.42
N THR A 759 -8.12 29.47 -5.50
CA THR A 759 -6.68 29.63 -5.34
C THR A 759 -5.92 28.42 -5.86
N MET A 760 -6.62 27.32 -6.11
CA MET A 760 -5.94 26.13 -6.62
C MET A 760 -5.26 26.35 -7.96
N PRO A 761 -5.90 27.00 -8.95
CA PRO A 761 -5.21 27.21 -10.24
C PRO A 761 -3.96 28.05 -10.14
N LYS A 762 -3.80 28.83 -9.08
CA LYS A 762 -2.64 29.71 -8.96
C LYS A 762 -1.41 29.01 -8.41
N LEU A 763 -1.52 27.72 -8.06
CA LEU A 763 -0.37 26.96 -7.60
C LEU A 763 0.45 26.38 -8.73
N ILE A 764 -0.02 26.50 -9.97
CA ILE A 764 0.67 25.86 -11.10
C ILE A 764 2.08 26.39 -11.28
N PRO A 765 2.34 27.70 -11.23
CA PRO A 765 3.69 28.21 -11.52
C PRO A 765 4.73 27.65 -10.55
N PRO A 766 4.52 27.77 -9.24
CA PRO A 766 5.53 27.21 -8.32
C PRO A 766 5.70 25.72 -8.44
N LEU A 767 4.61 24.96 -8.67
CA LEU A 767 4.74 23.52 -8.86
C LEU A 767 5.59 23.23 -10.09
N LYS A 768 5.30 23.89 -11.20
CA LYS A 768 6.06 23.68 -12.42
C LYS A 768 7.52 24.05 -12.23
N ALA A 769 7.79 25.04 -11.37
CA ALA A 769 9.17 25.38 -11.06
C ALA A 769 9.81 24.33 -10.16
N LEU A 770 9.00 23.60 -9.40
CA LEU A 770 9.54 22.62 -8.47
C LEU A 770 10.01 21.36 -9.19
N PHE A 771 9.27 20.91 -10.19
CA PHE A 771 9.58 19.68 -10.92
C PHE A 771 10.28 19.95 -12.25
N ALA A 772 11.05 21.02 -12.33
CA ALA A 772 11.73 21.39 -13.58
C ALA A 772 12.70 20.29 -13.99
#